data_4L8E
#
_entry.id   4L8E
#
_cell.length_a   65.331
_cell.length_b   65.331
_cell.length_c   213.919
_cell.angle_alpha   90.000
_cell.angle_beta   90.000
_cell.angle_gamma   120.000
#
_symmetry.space_group_name_H-M   'P 65 2 2'
#
loop_
_entity.id
_entity.type
_entity.pdbx_description
1 polymer 'Glutathione S-transferase enzyme with thioredoxin-like domain'
2 non-polymer GLUTATHIONE
3 non-polymer 'CHLORIDE ION'
4 non-polymer '2-(N-MORPHOLINO)-ETHANESULFONIC ACID'
5 water water
#
_entity_poly.entity_id   1
_entity_poly.type   'polypeptide(L)'
_entity_poly.pdbx_seq_one_letter_code
;MHHHHHHSSGVDLGTENLYFQSMIGGYMIDLYYAPTPNGYKITLFLEEVGLPYTIHPIDISAGDQFKPEFLAIAPNNKIP
AIVDHQPDGGGEAISIFESGAILLYLANKTGRFLSKDTRERTEQLQWLFWQVAGFGPMLGQNHHFNRYAPEVVPYAIKRY
TEESQRLYKVLNTQLEKTPYLGGNEYSIADIAVYPWAKCYEHQKINLEDYPAVKKWLEKIQQRPATQAAYNDAEL
;
_entity_poly.pdbx_strand_id   A
#
loop_
_chem_comp.id
_chem_comp.type
_chem_comp.name
_chem_comp.formula
CL non-polymer 'CHLORIDE ION' 'Cl -1'
GSH non-polymer GLUTATHIONE 'C10 H17 N3 O6 S'
MES non-polymer '2-(N-MORPHOLINO)-ETHANESULFONIC ACID' 'C6 H13 N O4 S'
#
# COMPACT_ATOMS: atom_id res chain seq x y z
N ILE A 29 -2.22 14.19 12.86
CA ILE A 29 -2.81 13.35 11.76
C ILE A 29 -3.79 12.33 12.33
N ASP A 30 -5.03 12.35 11.85
CA ASP A 30 -6.04 11.35 12.19
C ASP A 30 -6.03 10.33 11.05
N LEU A 31 -5.83 9.05 11.38
CA LEU A 31 -5.84 7.99 10.40
C LEU A 31 -7.03 7.06 10.58
N TYR A 32 -7.84 6.96 9.55
CA TYR A 32 -8.99 6.06 9.51
C TYR A 32 -8.50 4.74 8.90
N TYR A 33 -8.60 3.68 9.70
CA TYR A 33 -7.75 2.51 9.51
C TYR A 33 -8.42 1.18 9.78
N ALA A 34 -8.02 0.18 9.01
CA ALA A 34 -8.26 -1.22 9.35
C ALA A 34 -6.96 -1.95 9.04
N PRO A 35 -6.70 -3.06 9.74
CA PRO A 35 -5.49 -3.84 9.55
C PRO A 35 -5.57 -4.70 8.31
N THR A 36 -5.31 -4.04 7.19
CA THR A 36 -5.40 -4.61 5.86
C THR A 36 -4.20 -4.08 5.07
N PRO A 37 -3.92 -4.67 3.91
CA PRO A 37 -2.74 -4.16 3.17
C PRO A 37 -2.72 -2.65 2.95
N ASN A 38 -3.86 -2.06 2.58
CA ASN A 38 -3.91 -0.64 2.31
C ASN A 38 -3.79 0.22 3.56
N GLY A 39 -4.30 -0.28 4.70
CA GLY A 39 -4.10 0.41 5.96
C GLY A 39 -2.65 0.41 6.40
N TYR A 40 -1.97 -0.73 6.23
CA TYR A 40 -0.58 -0.86 6.66
C TYR A 40 0.36 0.02 5.85
N LYS A 41 0.00 0.33 4.60
CA LYS A 41 0.83 1.25 3.84
C LYS A 41 1.06 2.54 4.63
N ILE A 42 -0.01 3.03 5.25
CA ILE A 42 0.05 4.34 5.87
C ILE A 42 0.73 4.26 7.24
N THR A 43 0.42 3.24 8.02
CA THR A 43 1.13 3.09 9.30
C THR A 43 2.62 2.79 9.10
N LEU A 44 2.99 2.08 8.04
CA LEU A 44 4.40 1.93 7.71
C LEU A 44 5.07 3.30 7.53
N PHE A 45 4.45 4.15 6.71
CA PHE A 45 5.00 5.47 6.45
C PHE A 45 5.10 6.26 7.76
N LEU A 46 4.04 6.29 8.54
CA LEU A 46 4.01 7.11 9.75
C LEU A 46 5.02 6.61 10.78
N GLU A 47 5.16 5.31 10.89
CA GLU A 47 6.13 4.72 11.80
C GLU A 47 7.60 4.98 11.36
N GLU A 48 7.83 4.99 10.05
CA GLU A 48 9.16 5.33 9.53
C GLU A 48 9.55 6.78 9.86
N VAL A 49 8.60 7.70 9.75
N VAL A 49 8.60 7.70 9.74
CA VAL A 49 8.92 9.10 9.97
CA VAL A 49 8.88 9.12 9.95
C VAL A 49 8.84 9.47 11.45
C VAL A 49 8.64 9.60 11.38
N GLY A 50 7.98 8.78 12.19
CA GLY A 50 7.75 9.13 13.59
C GLY A 50 6.80 10.31 13.74
N LEU A 51 5.90 10.46 12.78
CA LEU A 51 4.93 11.54 12.80
C LEU A 51 3.79 11.10 13.71
N PRO A 52 3.44 11.92 14.71
CA PRO A 52 2.32 11.50 15.56
C PRO A 52 1.02 11.32 14.81
N TYR A 53 0.29 10.27 15.16
CA TYR A 53 -1.03 10.03 14.60
C TYR A 53 -1.97 9.37 15.57
N THR A 54 -3.27 9.55 15.33
CA THR A 54 -4.32 8.92 16.12
C THR A 54 -5.06 7.96 15.22
N ILE A 55 -5.14 6.69 15.63
CA ILE A 55 -5.93 5.74 14.86
C ILE A 55 -7.43 5.83 15.20
N HIS A 56 -8.22 5.97 14.16
CA HIS A 56 -9.67 5.88 14.22
C HIS A 56 -10.05 4.59 13.55
N PRO A 57 -10.29 3.53 14.33
CA PRO A 57 -10.59 2.25 13.68
C PRO A 57 -11.91 2.26 12.95
N ILE A 58 -11.89 1.74 11.74
CA ILE A 58 -13.08 1.57 10.93
C ILE A 58 -13.27 0.07 10.78
N ASP A 59 -14.35 -0.45 11.36
CA ASP A 59 -14.62 -1.87 11.27
C ASP A 59 -15.28 -2.14 9.95
N ILE A 60 -14.49 -2.55 8.94
CA ILE A 60 -15.04 -2.71 7.63
C ILE A 60 -15.96 -3.93 7.55
N SER A 61 -15.84 -4.88 8.50
CA SER A 61 -16.78 -5.99 8.49
C SER A 61 -18.15 -5.55 9.01
N ALA A 62 -18.16 -4.45 9.77
CA ALA A 62 -19.39 -3.95 10.37
C ALA A 62 -20.08 -2.91 9.48
N GLY A 63 -19.42 -2.52 8.39
CA GLY A 63 -19.97 -1.48 7.53
C GLY A 63 -19.77 -0.06 8.02
N ASP A 64 -18.79 0.16 8.91
CA ASP A 64 -18.50 1.50 9.43
C ASP A 64 -18.15 2.44 8.28
N GLN A 65 -17.63 1.89 7.19
CA GLN A 65 -17.19 2.68 6.03
C GLN A 65 -18.35 3.30 5.25
N PHE A 66 -19.58 2.95 5.62
CA PHE A 66 -20.76 3.53 4.97
C PHE A 66 -21.45 4.58 5.82
N LYS A 67 -20.90 4.85 7.01
CA LYS A 67 -21.49 5.86 7.88
C LYS A 67 -21.28 7.26 7.32
N PRO A 68 -22.27 8.15 7.47
CA PRO A 68 -22.18 9.48 6.84
C PRO A 68 -20.94 10.27 7.26
N GLU A 69 -20.53 10.14 8.52
CA GLU A 69 -19.38 10.89 9.01
C GLU A 69 -18.08 10.44 8.32
N PHE A 70 -17.99 9.14 8.04
CA PHE A 70 -16.85 8.64 7.29
C PHE A 70 -16.91 9.02 5.81
N LEU A 71 -18.08 8.87 5.19
CA LEU A 71 -18.23 9.23 3.78
C LEU A 71 -17.90 10.71 3.53
N ALA A 72 -18.09 11.57 4.54
CA ALA A 72 -17.70 12.97 4.40
C ALA A 72 -16.20 13.18 4.14
N ILE A 73 -15.40 12.28 4.72
N ILE A 73 -15.34 12.31 4.66
CA ILE A 73 -13.96 12.27 4.61
CA ILE A 73 -13.92 12.44 4.35
C ILE A 73 -13.47 11.42 3.41
C ILE A 73 -13.44 11.43 3.30
N ALA A 74 -14.21 10.36 3.11
CA ALA A 74 -13.80 9.28 2.22
C ALA A 74 -15.01 8.78 1.43
N PRO A 75 -15.43 9.57 0.43
CA PRO A 75 -16.71 9.29 -0.24
C PRO A 75 -16.71 8.01 -1.04
N ASN A 76 -15.54 7.43 -1.26
CA ASN A 76 -15.46 6.13 -1.92
C ASN A 76 -15.65 4.95 -0.97
N ASN A 77 -15.94 5.22 0.30
CA ASN A 77 -16.27 4.17 1.28
C ASN A 77 -15.16 3.17 1.59
N LYS A 78 -13.91 3.62 1.46
CA LYS A 78 -12.77 2.76 1.73
C LYS A 78 -11.72 3.41 2.61
N ILE A 79 -11.07 2.59 3.43
CA ILE A 79 -9.89 3.02 4.15
C ILE A 79 -8.67 2.68 3.29
N PRO A 80 -7.53 3.36 3.53
CA PRO A 80 -7.30 4.41 4.52
C PRO A 80 -7.79 5.77 4.08
N ALA A 81 -7.98 6.65 5.05
CA ALA A 81 -8.19 8.05 4.82
C ALA A 81 -7.50 8.75 5.96
N ILE A 82 -7.06 9.99 5.73
CA ILE A 82 -6.54 10.80 6.83
C ILE A 82 -7.21 12.15 6.86
N VAL A 83 -7.15 12.76 8.03
CA VAL A 83 -7.43 14.18 8.18
C VAL A 83 -6.18 14.79 8.83
N ASP A 84 -5.62 15.78 8.14
CA ASP A 84 -4.50 16.53 8.65
C ASP A 84 -5.04 17.85 9.19
N HIS A 85 -5.04 17.95 10.52
CA HIS A 85 -5.50 19.16 11.19
C HIS A 85 -4.48 20.28 11.26
N GLN A 86 -3.25 20.02 10.83
CA GLN A 86 -2.22 21.05 10.82
C GLN A 86 -1.54 21.11 9.46
N PRO A 87 -2.32 21.48 8.44
CA PRO A 87 -1.76 21.57 7.10
C PRO A 87 -0.78 22.74 7.05
N ASP A 88 0.20 22.62 6.16
CA ASP A 88 1.25 23.63 6.08
C ASP A 88 0.65 25.02 5.93
N GLY A 89 -0.39 25.12 5.11
CA GLY A 89 -1.02 26.41 4.88
C GLY A 89 -1.59 27.08 6.13
N GLY A 90 -1.76 26.30 7.20
CA GLY A 90 -2.67 26.69 8.26
C GLY A 90 -4.06 26.57 7.67
N GLY A 91 -5.09 26.92 8.43
CA GLY A 91 -6.43 26.93 7.86
C GLY A 91 -7.16 25.63 8.07
N GLU A 92 -8.18 25.37 7.26
CA GLU A 92 -9.07 24.23 7.46
C GLU A 92 -8.32 22.91 7.34
N ALA A 93 -8.78 21.90 8.07
CA ALA A 93 -8.21 20.57 7.94
C ALA A 93 -8.35 20.04 6.51
N ILE A 94 -7.37 19.24 6.11
CA ILE A 94 -7.36 18.62 4.80
C ILE A 94 -7.63 17.14 4.97
N SER A 95 -8.67 16.65 4.29
CA SER A 95 -8.99 15.23 4.33
C SER A 95 -8.59 14.60 3.01
N ILE A 96 -8.08 13.38 3.11
CA ILE A 96 -7.59 12.66 1.92
C ILE A 96 -7.93 11.19 1.98
N PHE A 97 -8.53 10.66 0.90
CA PHE A 97 -8.62 9.22 0.74
C PHE A 97 -7.73 8.79 -0.45
N GLU A 98 -7.59 7.47 -0.61
CA GLU A 98 -6.66 6.81 -1.54
C GLU A 98 -5.26 6.74 -0.97
N SER A 99 -4.81 5.53 -0.70
CA SER A 99 -3.50 5.33 -0.10
C SER A 99 -2.39 5.98 -0.89
N GLY A 100 -2.48 5.95 -2.22
CA GLY A 100 -1.45 6.58 -3.07
C GLY A 100 -1.38 8.08 -2.89
N ALA A 101 -2.54 8.75 -2.84
CA ALA A 101 -2.62 10.16 -2.60
C ALA A 101 -2.13 10.54 -1.21
N ILE A 102 -2.44 9.71 -0.23
CA ILE A 102 -2.00 9.97 1.16
C ILE A 102 -0.49 9.84 1.25
N LEU A 103 0.06 8.81 0.64
CA LEU A 103 1.51 8.63 0.67
C LEU A 103 2.22 9.81 0.01
N LEU A 104 1.71 10.26 -1.13
CA LEU A 104 2.31 11.38 -1.82
C LEU A 104 2.21 12.64 -0.99
N TYR A 105 1.03 12.91 -0.42
CA TYR A 105 0.85 14.09 0.41
C TYR A 105 1.79 14.10 1.60
N LEU A 106 1.89 12.95 2.29
CA LEU A 106 2.75 12.86 3.48
C LEU A 106 4.23 12.94 3.11
N ALA A 107 4.61 12.31 2.00
CA ALA A 107 6.00 12.38 1.55
C ALA A 107 6.37 13.82 1.23
N ASN A 108 5.46 14.57 0.62
CA ASN A 108 5.71 15.98 0.32
C ASN A 108 5.77 16.84 1.56
N LYS A 109 4.87 16.58 2.50
CA LYS A 109 4.81 17.35 3.74
C LYS A 109 6.07 17.16 4.59
N THR A 110 6.56 15.93 4.67
CA THR A 110 7.70 15.60 5.53
C THR A 110 9.05 15.68 4.82
N GLY A 111 9.03 15.63 3.49
CA GLY A 111 10.24 15.56 2.69
C GLY A 111 10.95 14.22 2.77
N ARG A 112 10.22 13.18 3.19
CA ARG A 112 10.78 11.83 3.39
C ARG A 112 10.19 10.81 2.43
N PHE A 113 11.01 9.85 2.03
CA PHE A 113 10.60 8.66 1.28
C PHE A 113 10.10 8.95 -0.14
N LEU A 114 10.55 10.08 -0.69
CA LEU A 114 10.29 10.40 -2.08
C LEU A 114 11.31 11.45 -2.46
N SER A 115 12.04 11.18 -3.52
CA SER A 115 13.13 12.04 -3.89
C SER A 115 12.62 13.41 -4.35
N LYS A 116 13.47 14.43 -4.20
CA LYS A 116 13.18 15.75 -4.75
C LYS A 116 13.82 15.94 -6.14
N ASP A 117 14.69 15.00 -6.52
CA ASP A 117 15.32 15.00 -7.87
C ASP A 117 14.29 14.50 -8.90
N THR A 118 14.07 15.27 -9.95
CA THR A 118 13.00 14.93 -10.91
C THR A 118 13.11 13.50 -11.45
N ARG A 119 14.30 13.07 -11.84
CA ARG A 119 14.44 11.71 -12.39
C ARG A 119 14.11 10.63 -11.38
N GLU A 120 14.73 10.71 -10.20
CA GLU A 120 14.49 9.68 -9.19
C GLU A 120 13.07 9.68 -8.72
N ARG A 121 12.53 10.88 -8.52
CA ARG A 121 11.15 11.04 -8.08
C ARG A 121 10.16 10.42 -9.08
N THR A 122 10.41 10.67 -10.36
CA THR A 122 9.50 10.21 -11.40
C THR A 122 9.51 8.70 -11.43
N GLU A 123 10.69 8.09 -11.28
CA GLU A 123 10.79 6.63 -11.25
C GLU A 123 10.05 6.05 -10.06
N GLN A 124 10.23 6.65 -8.88
CA GLN A 124 9.49 6.23 -7.69
C GLN A 124 7.98 6.34 -7.88
N LEU A 125 7.52 7.44 -8.47
CA LEU A 125 6.11 7.67 -8.62
C LEU A 125 5.50 6.72 -9.66
N GLN A 126 6.26 6.42 -10.72
CA GLN A 126 5.79 5.47 -11.71
C GLN A 126 5.43 4.15 -11.02
N TRP A 127 6.30 3.71 -10.14
CA TRP A 127 6.09 2.43 -9.45
C TRP A 127 5.00 2.52 -8.38
N LEU A 128 4.86 3.66 -7.71
CA LEU A 128 3.69 3.90 -6.86
C LEU A 128 2.39 3.74 -7.64
N PHE A 129 2.28 4.43 -8.76
CA PHE A 129 1.11 4.31 -9.60
C PHE A 129 0.89 2.86 -10.07
N TRP A 130 1.97 2.17 -10.42
CA TRP A 130 1.87 0.77 -10.86
C TRP A 130 1.25 -0.08 -9.75
N GLN A 131 1.65 0.20 -8.52
CA GLN A 131 1.09 -0.53 -7.36
C GLN A 131 -0.40 -0.26 -7.20
N VAL A 132 -0.81 1.02 -7.18
CA VAL A 132 -2.20 1.33 -6.86
C VAL A 132 -3.15 0.95 -8.00
N ALA A 133 -2.63 0.92 -9.22
CA ALA A 133 -3.44 0.67 -10.41
C ALA A 133 -3.47 -0.78 -10.85
N GLY A 134 -2.44 -1.53 -10.49
CA GLY A 134 -2.32 -2.92 -10.95
C GLY A 134 -2.07 -3.91 -9.84
N PHE A 135 -1.01 -3.74 -9.07
CA PHE A 135 -0.63 -4.75 -8.08
C PHE A 135 -1.75 -4.95 -7.03
N GLY A 136 -2.16 -3.86 -6.40
CA GLY A 136 -3.24 -3.92 -5.44
C GLY A 136 -4.57 -4.38 -6.02
N PRO A 137 -5.02 -3.71 -7.08
CA PRO A 137 -6.35 -4.08 -7.56
C PRO A 137 -6.42 -5.52 -8.02
N MET A 138 -5.39 -6.01 -8.71
CA MET A 138 -5.48 -7.37 -9.24
C MET A 138 -5.26 -8.44 -8.15
N LEU A 139 -4.30 -8.23 -7.25
CA LEU A 139 -4.12 -9.18 -6.14
C LEU A 139 -5.37 -9.20 -5.26
N GLY A 140 -6.05 -8.07 -5.15
CA GLY A 140 -7.30 -8.01 -4.40
C GLY A 140 -8.40 -8.86 -5.04
N GLN A 141 -8.38 -8.96 -6.37
CA GLN A 141 -9.38 -9.81 -7.03
C GLN A 141 -9.00 -11.27 -6.80
N ASN A 142 -7.70 -11.53 -6.81
CA ASN A 142 -7.16 -12.83 -6.44
C ASN A 142 -7.65 -13.19 -5.05
N HIS A 143 -7.52 -12.27 -4.09
CA HIS A 143 -8.01 -12.54 -2.73
C HIS A 143 -9.50 -12.86 -2.77
N HIS A 144 -10.26 -12.07 -3.52
CA HIS A 144 -11.71 -12.22 -3.54
C HIS A 144 -12.10 -13.59 -4.06
N PHE A 145 -11.52 -14.01 -5.18
CA PHE A 145 -11.99 -15.27 -5.76
C PHE A 145 -11.47 -16.51 -5.02
N ASN A 146 -10.51 -16.30 -4.13
CA ASN A 146 -10.09 -17.39 -3.24
C ASN A 146 -11.12 -17.67 -2.14
N ARG A 147 -12.17 -16.86 -2.09
CA ARG A 147 -13.27 -17.08 -1.15
C ARG A 147 -14.30 -18.05 -1.71
N TYR A 148 -14.08 -18.51 -2.95
CA TYR A 148 -14.99 -19.43 -3.59
C TYR A 148 -14.31 -20.80 -3.79
N ALA A 149 -15.14 -21.82 -3.93
CA ALA A 149 -14.66 -23.10 -4.42
C ALA A 149 -14.18 -22.86 -5.85
N PRO A 150 -12.95 -23.30 -6.17
CA PRO A 150 -12.36 -23.00 -7.48
C PRO A 150 -13.22 -23.47 -8.67
N GLU A 151 -13.95 -24.56 -8.49
CA GLU A 151 -14.74 -25.17 -9.58
C GLU A 151 -15.92 -24.28 -9.94
N VAL A 152 -16.24 -23.36 -9.03
CA VAL A 152 -17.42 -22.53 -9.16
C VAL A 152 -17.11 -21.27 -9.98
N VAL A 153 -15.84 -20.87 -10.01
CA VAL A 153 -15.40 -19.65 -10.71
C VAL A 153 -14.11 -19.90 -11.50
N PRO A 154 -14.13 -20.92 -12.36
CA PRO A 154 -12.90 -21.36 -13.03
C PRO A 154 -12.27 -20.29 -13.90
N TYR A 155 -13.07 -19.51 -14.61
CA TYR A 155 -12.49 -18.46 -15.46
C TYR A 155 -11.85 -17.34 -14.64
N ALA A 156 -12.53 -16.91 -13.58
CA ALA A 156 -12.03 -15.83 -12.76
C ALA A 156 -10.76 -16.22 -12.03
N ILE A 157 -10.74 -17.42 -11.46
CA ILE A 157 -9.56 -17.80 -10.68
C ILE A 157 -8.35 -17.94 -11.61
N LYS A 158 -8.56 -18.51 -12.80
CA LYS A 158 -7.47 -18.61 -13.77
C LYS A 158 -6.95 -17.24 -14.17
N ARG A 159 -7.87 -16.33 -14.49
CA ARG A 159 -7.48 -14.97 -14.89
C ARG A 159 -6.63 -14.29 -13.82
N TYR A 160 -7.13 -14.26 -12.59
CA TYR A 160 -6.42 -13.50 -11.56
C TYR A 160 -5.16 -14.19 -11.02
N THR A 161 -5.15 -15.52 -11.05
CA THR A 161 -3.93 -16.29 -10.78
C THR A 161 -2.83 -15.94 -11.79
N GLU A 162 -3.14 -16.03 -13.10
CA GLU A 162 -2.17 -15.71 -14.16
C GLU A 162 -1.71 -14.25 -14.10
N GLU A 163 -2.63 -13.35 -13.80
CA GLU A 163 -2.27 -11.94 -13.67
C GLU A 163 -1.39 -11.69 -12.45
N SER A 164 -1.67 -12.40 -11.35
CA SER A 164 -0.84 -12.27 -10.16
C SER A 164 0.59 -12.70 -10.49
N GLN A 165 0.72 -13.79 -11.23
CA GLN A 165 2.04 -14.26 -11.65
C GLN A 165 2.76 -13.22 -12.50
N ARG A 166 2.03 -12.61 -13.42
CA ARG A 166 2.61 -11.58 -14.30
C ARG A 166 3.15 -10.41 -13.49
N LEU A 167 2.35 -9.96 -12.55
CA LEU A 167 2.70 -8.86 -11.67
C LEU A 167 3.94 -9.14 -10.83
N TYR A 168 4.01 -10.34 -10.25
CA TYR A 168 5.19 -10.71 -9.47
C TYR A 168 6.43 -10.79 -10.37
N LYS A 169 6.24 -11.20 -11.61
CA LYS A 169 7.34 -11.27 -12.57
C LYS A 169 7.85 -9.87 -12.90
N VAL A 170 6.93 -8.93 -13.11
CA VAL A 170 7.31 -7.53 -13.35
C VAL A 170 8.10 -7.01 -12.14
N LEU A 171 7.56 -7.25 -10.95
CA LEU A 171 8.20 -6.79 -9.73
C LEU A 171 9.59 -7.39 -9.60
N ASN A 172 9.70 -8.69 -9.82
CA ASN A 172 10.98 -9.37 -9.67
C ASN A 172 12.01 -8.84 -10.66
N THR A 173 11.55 -8.62 -11.89
CA THR A 173 12.43 -8.11 -12.94
C THR A 173 13.02 -6.75 -12.54
N GLN A 174 12.20 -5.87 -11.98
CA GLN A 174 12.74 -4.58 -11.54
C GLN A 174 13.69 -4.73 -10.36
N LEU A 175 13.36 -5.60 -9.42
CA LEU A 175 14.16 -5.73 -8.21
C LEU A 175 15.49 -6.47 -8.48
N GLU A 176 15.60 -7.11 -9.65
CA GLU A 176 16.89 -7.62 -10.12
C GLU A 176 17.81 -6.50 -10.55
N LYS A 177 17.25 -5.34 -10.87
CA LYS A 177 18.03 -4.26 -11.46
C LYS A 177 18.42 -3.23 -10.43
N THR A 178 17.53 -2.98 -9.50
CA THR A 178 17.72 -1.95 -8.47
C THR A 178 17.37 -2.52 -7.10
N PRO A 179 18.05 -2.04 -6.04
CA PRO A 179 17.81 -2.63 -4.72
C PRO A 179 16.40 -2.39 -4.17
N TYR A 180 15.82 -1.24 -4.47
CA TYR A 180 14.43 -0.92 -4.13
C TYR A 180 13.66 -0.69 -5.42
N LEU A 181 12.34 -0.57 -5.33
CA LEU A 181 11.50 -0.51 -6.50
C LEU A 181 11.68 0.84 -7.19
N GLY A 182 12.23 0.83 -8.39
CA GLY A 182 12.63 2.09 -9.01
C GLY A 182 13.59 3.00 -8.21
N GLY A 183 14.55 2.43 -7.48
CA GLY A 183 15.60 3.26 -6.95
C GLY A 183 16.59 2.62 -6.00
N ASN A 184 17.50 3.45 -5.52
CA ASN A 184 18.57 3.03 -4.63
C ASN A 184 18.18 3.10 -3.16
N GLU A 185 17.02 3.71 -2.87
CA GLU A 185 16.60 3.89 -1.49
C GLU A 185 15.14 3.49 -1.29
N TYR A 186 14.84 3.01 -0.08
CA TYR A 186 13.45 2.73 0.32
C TYR A 186 12.60 3.98 0.10
N SER A 187 11.46 3.82 -0.58
CA SER A 187 10.58 4.94 -0.88
C SER A 187 9.13 4.57 -0.73
N ILE A 188 8.25 5.52 -0.98
CA ILE A 188 6.83 5.25 -0.90
C ILE A 188 6.38 4.20 -1.92
N ALA A 189 7.16 3.98 -2.97
CA ALA A 189 6.85 2.89 -3.92
C ALA A 189 6.96 1.53 -3.20
N ASP A 190 8.03 1.34 -2.45
CA ASP A 190 8.22 0.10 -1.71
C ASP A 190 7.18 -0.06 -0.60
N ILE A 191 6.89 1.04 0.09
CA ILE A 191 5.91 1.03 1.18
C ILE A 191 4.53 0.62 0.62
N ALA A 192 4.20 1.09 -0.58
CA ALA A 192 2.92 0.75 -1.19
C ALA A 192 2.84 -0.74 -1.55
N VAL A 193 3.93 -1.29 -2.04
CA VAL A 193 3.96 -2.67 -2.53
C VAL A 193 4.06 -3.70 -1.40
N TYR A 194 4.85 -3.39 -0.38
CA TYR A 194 5.14 -4.38 0.63
C TYR A 194 3.93 -5.07 1.27
N PRO A 195 2.92 -4.30 1.71
CA PRO A 195 1.83 -4.97 2.42
C PRO A 195 1.05 -5.95 1.54
N TRP A 196 1.09 -5.74 0.24
CA TRP A 196 0.47 -6.66 -0.72
C TRP A 196 1.37 -7.85 -1.02
N ALA A 197 2.65 -7.60 -1.25
CA ALA A 197 3.60 -8.69 -1.52
C ALA A 197 3.77 -9.62 -0.31
N LYS A 198 3.63 -9.08 0.90
CA LYS A 198 3.72 -9.84 2.15
C LYS A 198 2.66 -10.92 2.20
N CYS A 199 1.61 -10.73 1.42
CA CYS A 199 0.47 -11.63 1.39
C CYS A 199 0.56 -12.67 0.28
N TYR A 200 1.74 -12.86 -0.30
CA TYR A 200 1.91 -13.86 -1.37
C TYR A 200 1.32 -15.24 -1.09
N GLU A 201 1.44 -15.76 0.14
CA GLU A 201 0.93 -17.09 0.42
C GLU A 201 -0.61 -17.16 0.21
N HIS A 202 -1.29 -16.10 0.60
CA HIS A 202 -2.74 -16.01 0.46
C HIS A 202 -3.13 -15.94 -1.01
N GLN A 203 -2.22 -15.41 -1.81
CA GLN A 203 -2.43 -15.26 -3.25
C GLN A 203 -2.03 -16.53 -3.99
N LYS A 204 -1.60 -17.54 -3.24
CA LYS A 204 -1.14 -18.80 -3.80
C LYS A 204 0.04 -18.61 -4.75
N ILE A 205 0.84 -17.60 -4.48
CA ILE A 205 2.06 -17.34 -5.23
C ILE A 205 3.25 -18.14 -4.68
N ASN A 206 3.98 -18.81 -5.56
CA ASN A 206 5.22 -19.48 -5.18
C ASN A 206 6.37 -18.50 -5.22
N LEU A 207 6.79 -18.06 -4.06
CA LEU A 207 7.77 -17.01 -3.96
C LEU A 207 9.15 -17.43 -4.44
N GLU A 208 9.38 -18.75 -4.50
CA GLU A 208 10.62 -19.27 -5.04
C GLU A 208 10.76 -18.94 -6.52
N ASP A 209 9.66 -18.66 -7.20
CA ASP A 209 9.73 -18.26 -8.61
C ASP A 209 10.24 -16.83 -8.77
N TYR A 210 10.29 -16.09 -7.67
CA TYR A 210 10.62 -14.65 -7.70
C TYR A 210 11.66 -14.34 -6.61
N PRO A 211 12.90 -14.77 -6.83
CA PRO A 211 13.92 -14.72 -5.76
C PRO A 211 14.28 -13.28 -5.36
N ALA A 212 14.24 -12.33 -6.30
CA ALA A 212 14.52 -10.94 -5.96
C ALA A 212 13.42 -10.37 -5.08
N VAL A 213 12.18 -10.75 -5.35
CA VAL A 213 11.07 -10.32 -4.50
C VAL A 213 11.25 -10.90 -3.09
N LYS A 214 11.61 -12.18 -3.01
CA LYS A 214 11.84 -12.83 -1.73
C LYS A 214 12.90 -12.10 -0.91
N LYS A 215 14.04 -11.77 -1.53
CA LYS A 215 15.09 -11.05 -0.78
C LYS A 215 14.63 -9.66 -0.35
N TRP A 216 13.88 -8.97 -1.22
CA TRP A 216 13.39 -7.63 -0.90
C TRP A 216 12.36 -7.68 0.24
N LEU A 217 11.51 -8.70 0.26
CA LEU A 217 10.55 -8.87 1.36
C LEU A 217 11.30 -9.06 2.67
N GLU A 218 12.30 -9.94 2.65
CA GLU A 218 13.11 -10.24 3.81
C GLU A 218 13.82 -8.98 4.33
N LYS A 219 14.30 -8.15 3.41
CA LYS A 219 14.98 -6.91 3.75
C LYS A 219 14.04 -5.93 4.44
N ILE A 220 12.85 -5.75 3.89
CA ILE A 220 11.91 -4.77 4.42
C ILE A 220 11.34 -5.25 5.76
N GLN A 221 11.21 -6.56 5.91
CA GLN A 221 10.75 -7.16 7.16
C GLN A 221 11.70 -6.84 8.31
N GLN A 222 12.97 -6.62 8.01
CA GLN A 222 13.96 -6.32 9.05
C GLN A 222 13.92 -4.86 9.57
N ARG A 223 13.26 -3.97 8.84
CA ARG A 223 13.13 -2.59 9.26
C ARG A 223 12.32 -2.46 10.54
N PRO A 224 12.87 -1.78 11.57
CA PRO A 224 12.07 -1.64 12.78
C PRO A 224 10.70 -1.04 12.56
N ALA A 225 10.52 -0.09 11.63
CA ALA A 225 9.19 0.49 11.43
C ALA A 225 8.21 -0.56 10.88
N THR A 226 8.72 -1.51 10.10
CA THR A 226 7.86 -2.58 9.60
C THR A 226 7.35 -3.42 10.76
N GLN A 227 8.25 -3.78 11.66
CA GLN A 227 7.84 -4.56 12.81
C GLN A 227 6.84 -3.78 13.65
N ALA A 228 7.07 -2.48 13.78
CA ALA A 228 6.21 -1.63 14.61
C ALA A 228 4.79 -1.58 14.02
N ALA A 229 4.69 -1.26 12.73
CA ALA A 229 3.38 -1.20 12.08
C ALA A 229 2.63 -2.52 12.18
N TYR A 230 3.32 -3.64 12.02
CA TYR A 230 2.68 -4.96 12.10
C TYR A 230 2.57 -5.53 13.53
N ASN A 231 3.05 -4.81 14.54
CA ASN A 231 2.87 -5.20 15.93
C ASN A 231 1.45 -4.94 16.44
N1 GSH B . -15.76 -4.75 -1.42
CA1 GSH B . -14.46 -5.33 -1.46
C1 GSH B . -14.48 -6.52 -2.39
O11 GSH B . -15.57 -7.15 -2.61
O12 GSH B . -13.40 -6.90 -2.94
CB1 GSH B . -14.11 -5.79 -0.10
CG1 GSH B . -12.74 -6.44 -0.02
CD1 GSH B . -11.63 -5.41 -0.05
OE1 GSH B . -11.83 -4.27 0.30
N2 GSH B . -10.33 -5.84 -0.53
CA2 GSH B . -9.23 -4.93 -0.59
C2 GSH B . -8.81 -4.80 -2.04
O2 GSH B . -8.89 -5.72 -2.86
CB2 GSH B . -8.07 -5.42 0.21
SG2 GSH B . -8.44 -5.43 1.96
N3 GSH B . -8.33 -3.53 -2.49
CA3 GSH B . -7.95 -3.42 -3.88
C3 GSH B . -6.91 -2.37 -4.01
O31 GSH B . -6.13 -2.15 -3.04
O32 GSH B . -6.82 -1.73 -5.09
HN11 GSH B . -16.02 -4.56 -2.27
HN12 GSH B . -15.74 -3.99 -0.93
HA1 GSH B . -13.82 -4.67 -1.77
HB12 GSH B . -14.78 -6.44 0.19
HB13 GSH B . -14.13 -5.03 0.50
HG12 GSH B . -12.65 -7.03 -0.79
HG13 GSH B . -12.67 -6.96 0.79
HN2 GSH B . -10.21 -6.71 -0.79
HA2 GSH B . -9.51 -4.07 -0.25
HB22 GSH B . -7.30 -4.83 0.05
HB23 GSH B . -7.84 -6.33 -0.09
HSG GSH B . -7.45 -5.61 2.58
HN3 GSH B . -8.26 -2.82 -1.93
HA31 GSH B . -7.60 -4.27 -4.20
HA32 GSH B . -8.72 -3.16 -4.41
N1 GSH C . -7.40 2.18 -4.03
CA1 GSH C . -7.67 2.21 -2.59
C1 GSH C . -6.46 2.69 -1.85
O11 GSH C . -6.58 3.33 -0.75
O12 GSH C . -5.29 2.50 -2.33
CB1 GSH C . -8.11 0.86 -2.11
CG1 GSH C . -8.56 0.87 -0.65
CD1 GSH C . -9.25 -0.43 -0.28
OE1 GSH C . -9.45 -1.34 -1.07
N2 GSH C . -9.72 -0.51 1.06
CA2 GSH C . -10.39 -1.64 1.58
C2 GSH C . -11.71 -1.16 2.10
O2 GSH C . -11.87 -0.15 2.83
CB2 GSH C . -9.66 -2.30 2.70
SG2 GSH C . -8.02 -2.76 2.21
N3 GSH C . -12.87 -1.92 1.72
CA3 GSH C . -14.16 -1.49 2.22
C3 GSH C . -15.22 -1.77 1.20
O31 GSH C . -16.41 -1.67 1.59
O32 GSH C . -14.91 -2.07 0.02
HN11 GSH C . -6.98 2.95 -4.27
HN12 GSH C . -8.18 2.10 -4.48
HA1 GSH C . -8.41 2.85 -2.43
HB12 GSH C . -7.36 0.24 -2.20
HB13 GSH C . -8.83 0.54 -2.65
HG12 GSH C . -9.18 1.61 -0.52
HG13 GSH C . -7.79 0.99 -0.08
HN2 GSH C . -9.56 0.21 1.62
HA2 GSH C . -10.54 -2.28 0.87
HB22 GSH C . -10.15 -3.09 2.98
HB23 GSH C . -9.61 -1.67 3.46
HSG GSH C . -7.53 -3.44 3.06
HN3 GSH C . -12.78 -2.67 1.20
HA31 GSH C . -14.37 -1.98 3.04
HA32 GSH C . -14.14 -0.55 2.41
CG1 GSH D . -3.75 -8.21 7.82
CD1 GSH D . -3.52 -8.37 6.32
OE1 GSH D . -2.66 -7.69 5.75
N2 GSH D . -4.35 -9.37 5.62
CA2 GSH D . -4.27 -9.64 4.21
C2 GSH D . -5.60 -9.27 3.58
O2 GSH D . -5.81 -9.57 2.40
CB2 GSH D . -3.93 -11.08 3.93
SG2 GSH D . -2.18 -11.34 4.16
N3 GSH D . -6.62 -8.56 4.34
CA3 GSH D . -7.88 -8.20 3.70
C3 GSH D . -8.79 -9.35 3.38
O31 GSH D . -9.74 -9.17 2.58
O32 GSH D . -8.64 -10.47 3.93
HG12 GSH D . -4.00 -7.29 8.02
HG13 GSH D . -2.96 -8.49 8.31
HN2 GSH D . -4.97 -9.84 6.11
HA2 GSH D . -3.57 -9.08 3.83
HB22 GSH D . -4.42 -11.65 4.55
HB23 GSH D . -4.17 -11.30 3.01
HSG GSH D . -1.84 -12.29 3.53
HN3 GSH D . -6.47 -8.32 5.22
HA31 GSH D . -8.36 -7.57 4.27
HA32 GSH D . -7.67 -7.74 2.86
CL CL E . 3.89 16.07 -6.82
O1 MES F . -19.39 -18.33 -3.03
C2 MES F . -20.61 -17.58 -3.05
C3 MES F . -20.35 -16.08 -3.28
N4 MES F . -19.38 -15.57 -2.30
C5 MES F . -18.17 -16.39 -2.20
C6 MES F . -18.48 -17.87 -2.05
C7 MES F . -19.02 -14.14 -2.41
C8 MES F . -20.24 -13.22 -2.28
S MES F . -19.88 -11.62 -2.67
O1S MES F . -19.22 -11.57 -4.02
O2S MES F . -18.98 -11.11 -1.59
O3S MES F . -21.15 -10.85 -2.66
H21 MES F . -21.13 -17.72 -2.09
H22 MES F . -21.26 -17.97 -3.84
H31 MES F . -19.97 -15.92 -4.29
H32 MES F . -21.29 -15.52 -3.19
HN4 MES F . -19.84 -15.66 -1.41
H51 MES F . -17.58 -16.04 -1.34
H52 MES F . -17.56 -16.23 -3.10
H61 MES F . -17.55 -18.43 -2.13
H62 MES F . -18.89 -18.05 -1.06
H71 MES F . -18.30 -13.89 -1.63
H72 MES F . -18.54 -13.96 -3.37
H81 MES F . -21.03 -13.60 -2.95
H82 MES F . -20.62 -13.27 -1.26
#